data_6A1L
#
_entry.id   6A1L
#
_cell.length_a   137.721
_cell.length_b   137.721
_cell.length_c   111.585
_cell.angle_alpha   90.00
_cell.angle_beta   90.00
_cell.angle_gamma   90.00
#
_symmetry.space_group_name_H-M   'I 4 2 2'
#
loop_
_entity.id
_entity.type
_entity.pdbx_description
1 polymer '4-hydroxymandelate oxidase'
2 non-polymer 1-deoxy-1-(7,8-dimethyl-2,4-dioxo-3,4-dihydropyrimido[4,5-b]quinolin-10(2H)-yl)-5-O-phosphono-D-ribitol
3 non-polymer 'MAGNESIUM ION'
4 non-polymer 'BENZOIC ACID'
5 water water
#
_entity_poly.entity_id   1
_entity_poly.type   'polypeptide(L)'
_entity_poly.pdbx_seq_one_letter_code
;MGSSHHHHHHSSGLVPRGSHMTYVSLADLERAARDVLPGEIFDFLAGGSGTEASLVANRTALERVFVIPRMLRDLTDVTT
EIDIFGRRAALPMAVAPVAYQRLFHPEGELAVARAARDAGVPYTICTLSSVSLEEIAAVGGRPWFQLFWLRDEKRSLDLV
RRAEDAGCEAIVFTVDVPWMGRRLRDMRNGFALPEWVTAANFDAGTAAHRRTQGVSAVADHTAREFAPATWESVEAVRAH
TDLPVVLKGILAVEDARRAVDAGAGGIVVSNHGGRQLDGAVPGIEMLGEIVAAVSGGCEVLVDGGIRSGGDVLKATALGA
SAVLVGRPVMWALAAAGQDGVRQLLELLAEEVRDAMGLAGCESVGAARRLNTKLGVV
;
_entity_poly.pdbx_strand_id   A
#
# COMPACT_ATOMS: atom_id res chain seq x y z
N TYR A 23 3.74 13.05 -18.25
CA TYR A 23 3.91 11.66 -17.81
C TYR A 23 2.84 10.76 -18.42
N VAL A 24 3.27 9.74 -19.16
CA VAL A 24 2.35 8.77 -19.76
C VAL A 24 2.48 7.39 -19.13
N SER A 25 3.42 7.19 -18.21
CA SER A 25 3.54 5.95 -17.45
C SER A 25 4.18 6.27 -16.11
N LEU A 26 4.00 5.36 -15.16
CA LEU A 26 4.64 5.56 -13.86
C LEU A 26 6.16 5.55 -13.98
N ALA A 27 6.70 4.90 -15.01
CA ALA A 27 8.15 4.88 -15.18
C ALA A 27 8.71 6.24 -15.53
N ASP A 28 7.94 7.09 -16.21
CA ASP A 28 8.36 8.47 -16.41
C ASP A 28 8.65 9.15 -15.07
N LEU A 29 7.85 8.84 -14.05
CA LEU A 29 8.03 9.49 -12.77
C LEU A 29 9.28 8.99 -12.06
N GLU A 30 9.59 7.69 -12.17
CA GLU A 30 10.82 7.20 -11.54
C GLU A 30 12.03 7.90 -12.13
N ARG A 31 12.09 8.03 -13.45
CA ARG A 31 13.21 8.72 -14.07
C ARG A 31 13.34 10.15 -13.55
N ALA A 32 12.20 10.85 -13.42
CA ALA A 32 12.24 12.21 -12.92
C ALA A 32 12.72 12.26 -11.47
N ALA A 33 12.29 11.29 -10.65
CA ALA A 33 12.71 11.31 -9.24
C ALA A 33 14.19 10.99 -9.09
N ARG A 34 14.72 10.08 -9.92
CA ARG A 34 16.14 9.76 -9.83
C ARG A 34 16.99 10.99 -10.17
N ASP A 35 16.54 11.81 -11.13
CA ASP A 35 17.27 13.01 -11.48
C ASP A 35 17.38 13.97 -10.29
N VAL A 36 16.29 14.14 -9.53
CA VAL A 36 16.25 15.21 -8.53
C VAL A 36 16.78 14.78 -7.16
N LEU A 37 16.57 13.54 -6.75
CA LEU A 37 16.88 13.17 -5.38
C LEU A 37 18.37 12.88 -5.21
N PRO A 38 18.93 13.21 -4.05
CA PRO A 38 20.27 12.74 -3.72
C PRO A 38 20.31 11.22 -3.79
N GLY A 39 21.46 10.69 -4.23
CA GLY A 39 21.58 9.25 -4.43
C GLY A 39 21.20 8.44 -3.21
N GLU A 40 21.65 8.87 -2.03
CA GLU A 40 21.38 8.07 -0.82
C GLU A 40 19.90 8.09 -0.45
N ILE A 41 19.19 9.17 -0.77
CA ILE A 41 17.75 9.20 -0.52
C ILE A 41 17.01 8.35 -1.55
N PHE A 42 17.38 8.45 -2.83
CA PHE A 42 16.81 7.54 -3.81
C PHE A 42 17.02 6.08 -3.42
N ASP A 43 18.21 5.76 -2.89
CA ASP A 43 18.49 4.38 -2.48
C ASP A 43 17.64 3.97 -1.29
N PHE A 44 17.44 4.86 -0.31
CA PHE A 44 16.56 4.56 0.80
C PHE A 44 15.16 4.20 0.29
N LEU A 45 14.68 4.93 -0.71
CA LEU A 45 13.35 4.71 -1.26
C LEU A 45 13.30 3.45 -2.11
N ALA A 46 14.27 3.26 -3.00
CA ALA A 46 14.22 2.19 -3.98
C ALA A 46 14.60 0.83 -3.42
N GLY A 47 15.46 0.81 -2.41
CA GLY A 47 16.12 -0.42 -2.02
C GLY A 47 15.23 -1.43 -1.32
N GLY A 48 15.76 -2.65 -1.26
CA GLY A 48 15.18 -3.72 -0.47
C GLY A 48 16.22 -4.32 0.47
N SER A 49 15.87 -5.42 1.13
CA SER A 49 16.81 -6.05 2.05
C SER A 49 17.68 -7.06 1.30
N GLY A 50 18.83 -7.36 1.90
CA GLY A 50 19.66 -8.45 1.40
C GLY A 50 20.07 -8.26 -0.04
N THR A 51 19.88 -9.31 -0.84
CA THR A 51 20.21 -9.30 -2.26
C THR A 51 19.12 -8.67 -3.11
N GLU A 52 18.03 -8.20 -2.49
CA GLU A 52 16.89 -7.60 -3.20
C GLU A 52 16.15 -8.62 -4.06
N ALA A 53 16.23 -9.90 -3.67
CA ALA A 53 15.52 -10.95 -4.39
C ALA A 53 14.01 -10.74 -4.34
N SER A 54 13.48 -10.34 -3.18
CA SER A 54 12.03 -10.16 -3.05
C SER A 54 11.56 -8.88 -3.72
N LEU A 55 12.41 -7.85 -3.72
CA LEU A 55 12.10 -6.61 -4.45
C LEU A 55 11.92 -6.90 -5.94
N VAL A 56 12.87 -7.61 -6.53
CA VAL A 56 12.77 -7.95 -7.95
C VAL A 56 11.60 -8.89 -8.19
N ALA A 57 11.41 -9.87 -7.30
CA ALA A 57 10.34 -10.84 -7.52
C ALA A 57 8.95 -10.20 -7.52
N ASN A 58 8.76 -9.10 -6.78
CA ASN A 58 7.47 -8.42 -6.85
C ASN A 58 7.13 -8.02 -8.28
N ARG A 59 8.13 -7.54 -9.01
CA ARG A 59 7.90 -7.18 -10.41
C ARG A 59 7.80 -8.41 -11.31
N THR A 60 8.71 -9.38 -11.14
N THR A 60 8.68 -9.39 -11.14
CA THR A 60 8.66 -10.60 -11.94
CA THR A 60 8.61 -10.54 -12.04
C THR A 60 7.28 -11.24 -11.85
C THR A 60 7.32 -11.34 -11.85
N ALA A 61 6.76 -11.34 -10.63
CA ALA A 61 5.48 -12.03 -10.42
C ALA A 61 4.37 -11.35 -11.21
N LEU A 62 4.26 -10.03 -11.13
CA LEU A 62 3.21 -9.33 -11.88
C LEU A 62 3.39 -9.53 -13.38
N GLU A 63 4.63 -9.54 -13.85
CA GLU A 63 4.88 -9.66 -15.28
C GLU A 63 4.53 -11.05 -15.81
N ARG A 64 4.46 -12.05 -14.95
CA ARG A 64 4.06 -13.40 -15.35
C ARG A 64 2.56 -13.55 -15.47
N VAL A 65 1.77 -12.65 -14.90
CA VAL A 65 0.32 -12.77 -14.91
C VAL A 65 -0.22 -12.15 -16.19
N PHE A 66 -1.07 -12.90 -16.89
CA PHE A 66 -1.82 -12.35 -18.02
C PHE A 66 -3.31 -12.45 -17.74
N VAL A 67 -4.04 -11.42 -18.15
CA VAL A 67 -5.48 -11.35 -17.93
C VAL A 67 -6.19 -11.95 -19.14
N ILE A 68 -7.29 -12.64 -18.90
CA ILE A 68 -8.18 -13.13 -19.96
C ILE A 68 -9.36 -12.16 -20.03
N PRO A 69 -9.34 -11.17 -20.91
CA PRO A 69 -10.40 -10.16 -20.93
C PRO A 69 -11.69 -10.69 -21.51
N ARG A 70 -12.81 -10.08 -21.10
CA ARG A 70 -14.11 -10.38 -21.65
C ARG A 70 -14.52 -9.28 -22.63
N MET A 71 -15.34 -9.65 -23.60
CA MET A 71 -15.73 -8.72 -24.66
C MET A 71 -17.24 -8.51 -24.66
N LEU A 72 -17.65 -7.40 -25.28
CA LEU A 72 -19.04 -7.18 -25.67
C LEU A 72 -19.97 -6.97 -24.48
N ARG A 73 -19.45 -6.53 -23.33
CA ARG A 73 -20.27 -6.26 -22.17
C ARG A 73 -20.64 -4.77 -22.11
N ASP A 74 -21.72 -4.49 -21.39
CA ASP A 74 -22.19 -3.12 -21.28
C ASP A 74 -21.19 -2.28 -20.49
N LEU A 75 -20.69 -1.23 -21.12
CA LEU A 75 -19.74 -0.32 -20.49
C LEU A 75 -20.30 1.09 -20.41
N THR A 76 -21.61 1.23 -20.41
CA THR A 76 -22.20 2.57 -20.44
C THR A 76 -21.89 3.35 -19.16
N ASP A 77 -21.69 2.65 -18.05
CA ASP A 77 -21.48 3.27 -16.74
C ASP A 77 -20.26 2.68 -16.03
N VAL A 78 -19.12 2.62 -16.73
CA VAL A 78 -17.92 2.07 -16.11
C VAL A 78 -17.56 2.92 -14.90
N THR A 79 -17.34 2.27 -13.77
CA THR A 79 -16.93 2.96 -12.55
C THR A 79 -15.77 2.20 -11.91
N THR A 80 -14.76 2.95 -11.48
CA THR A 80 -13.62 2.40 -10.76
C THR A 80 -13.80 2.49 -9.25
N GLU A 81 -14.95 2.93 -8.77
CA GLU A 81 -15.16 3.15 -7.35
C GLU A 81 -15.36 1.83 -6.60
N ILE A 82 -14.96 1.84 -5.34
CA ILE A 82 -15.23 0.72 -4.43
C ILE A 82 -15.68 1.30 -3.10
N ASP A 83 -16.31 0.47 -2.31
CA ASP A 83 -16.58 0.75 -0.91
C ASP A 83 -15.63 -0.11 -0.08
N ILE A 84 -14.92 0.52 0.85
CA ILE A 84 -14.00 -0.20 1.70
C ILE A 84 -13.95 0.47 3.07
N PHE A 85 -14.06 -0.34 4.12
CA PHE A 85 -14.05 0.16 5.50
C PHE A 85 -15.11 1.24 5.69
N GLY A 86 -16.26 1.04 5.06
CA GLY A 86 -17.42 1.88 5.28
C GLY A 86 -17.53 3.11 4.39
N ARG A 87 -16.54 3.37 3.54
CA ARG A 87 -16.55 4.60 2.76
C ARG A 87 -16.16 4.33 1.32
N ARG A 88 -16.65 5.19 0.44
CA ARG A 88 -16.33 5.11 -0.97
C ARG A 88 -14.90 5.55 -1.21
N ALA A 89 -14.23 4.89 -2.16
CA ALA A 89 -12.95 5.32 -2.69
C ALA A 89 -13.09 5.40 -4.20
N ALA A 90 -12.38 6.35 -4.81
CA ALA A 90 -12.55 6.61 -6.24
C ALA A 90 -11.91 5.55 -7.11
N LEU A 91 -10.95 4.81 -6.57
CA LEU A 91 -10.20 3.75 -7.24
C LEU A 91 -10.00 2.64 -6.23
N PRO A 92 -9.73 1.42 -6.69
CA PRO A 92 -9.39 0.33 -5.77
C PRO A 92 -7.93 0.41 -5.34
N MET A 93 -7.57 1.53 -4.71
CA MET A 93 -6.18 1.80 -4.40
CA MET A 93 -6.18 1.75 -4.34
C MET A 93 -6.11 2.77 -3.22
N ALA A 94 -5.05 2.65 -2.42
CA ALA A 94 -4.73 3.60 -1.37
C ALA A 94 -3.22 3.86 -1.43
N VAL A 95 -2.80 5.00 -0.89
CA VAL A 95 -1.38 5.30 -0.76
C VAL A 95 -0.82 4.47 0.39
N ALA A 96 0.22 3.68 0.09
CA ALA A 96 0.84 2.84 1.11
C ALA A 96 1.54 3.70 2.16
N PRO A 97 1.69 3.20 3.38
CA PRO A 97 2.52 3.90 4.38
C PRO A 97 3.98 3.90 3.96
N VAL A 98 4.55 5.09 3.83
CA VAL A 98 5.97 5.28 3.54
C VAL A 98 6.49 6.32 4.52
N ALA A 99 7.52 5.96 5.28
CA ALA A 99 8.00 6.81 6.36
C ALA A 99 8.73 8.04 5.83
N TYR A 100 8.71 9.12 6.62
CA TYR A 100 9.64 10.26 6.45
C TYR A 100 9.53 10.92 5.07
N GLN A 101 8.31 11.32 4.70
CA GLN A 101 8.10 11.82 3.35
C GLN A 101 8.76 13.17 3.09
N ARG A 102 9.14 13.91 4.14
CA ARG A 102 9.93 15.12 3.94
C ARG A 102 11.30 14.83 3.36
N LEU A 103 11.74 13.56 3.37
CA LEU A 103 12.98 13.22 2.68
C LEU A 103 12.89 13.53 1.19
N PHE A 104 11.68 13.50 0.62
CA PHE A 104 11.50 13.54 -0.82
C PHE A 104 11.05 14.90 -1.33
N HIS A 105 10.45 15.72 -0.47
CA HIS A 105 9.93 17.02 -0.86
C HIS A 105 9.69 17.81 0.42
N PRO A 106 9.92 19.13 0.43
CA PRO A 106 9.72 19.90 1.67
C PRO A 106 8.32 19.82 2.24
N GLU A 107 7.29 19.65 1.41
CA GLU A 107 5.94 19.55 1.93
C GLU A 107 5.59 18.14 2.40
N GLY A 108 6.41 17.15 2.05
CA GLY A 108 6.27 15.81 2.59
C GLY A 108 4.85 15.28 2.58
N GLU A 109 4.43 14.78 3.74
CA GLU A 109 3.15 14.09 3.85
C GLU A 109 1.97 14.99 3.51
N LEU A 110 2.07 16.30 3.78
CA LEU A 110 0.94 17.17 3.49
C LEU A 110 0.64 17.23 2.00
N ALA A 111 1.70 17.29 1.17
CA ALA A 111 1.51 17.31 -0.28
C ALA A 111 0.85 16.03 -0.75
N VAL A 112 1.31 14.89 -0.25
CA VAL A 112 0.75 13.62 -0.70
C VAL A 112 -0.69 13.49 -0.24
N ALA A 113 -0.97 13.82 1.02
CA ALA A 113 -2.32 13.68 1.54
C ALA A 113 -3.31 14.59 0.82
N ARG A 114 -2.86 15.80 0.46
CA ARG A 114 -3.74 16.72 -0.27
C ARG A 114 -4.11 16.16 -1.63
N ALA A 115 -3.12 15.65 -2.36
CA ALA A 115 -3.39 15.06 -3.67
C ALA A 115 -4.27 13.81 -3.56
N ALA A 116 -4.00 12.97 -2.56
CA ALA A 116 -4.83 11.78 -2.36
C ALA A 116 -6.27 12.17 -2.07
N ARG A 117 -6.47 13.12 -1.14
CA ARG A 117 -7.81 13.62 -0.86
C ARG A 117 -8.50 14.10 -2.13
N ASP A 118 -7.80 14.90 -2.94
CA ASP A 118 -8.42 15.47 -4.13
C ASP A 118 -8.77 14.39 -5.14
N ALA A 119 -8.01 13.29 -5.15
CA ALA A 119 -8.25 12.18 -6.07
C ALA A 119 -9.26 11.17 -5.53
N GLY A 120 -9.70 11.31 -4.29
CA GLY A 120 -10.62 10.35 -3.70
C GLY A 120 -9.98 9.04 -3.32
N VAL A 121 -8.68 9.04 -3.02
CA VAL A 121 -7.90 7.84 -2.69
CA VAL A 121 -8.03 7.80 -2.64
C VAL A 121 -7.54 7.92 -1.21
N PRO A 122 -7.74 6.86 -0.42
CA PRO A 122 -7.28 6.90 0.98
C PRO A 122 -5.76 7.04 1.07
N TYR A 123 -5.32 7.72 2.12
CA TYR A 123 -3.92 7.97 2.38
C TYR A 123 -3.56 7.35 3.72
N THR A 124 -2.50 6.53 3.75
CA THR A 124 -2.10 5.89 5.00
C THR A 124 -1.04 6.73 5.70
N ILE A 125 -1.42 7.33 6.84
CA ILE A 125 -0.46 8.06 7.68
C ILE A 125 0.44 7.08 8.42
N CYS A 126 1.74 7.37 8.41
N CYS A 126 1.75 7.34 8.40
CA CYS A 126 2.71 6.51 9.07
CA CYS A 126 2.75 6.43 8.96
C CYS A 126 2.88 6.84 10.53
C CYS A 126 3.10 6.82 10.40
N THR A 127 3.22 5.81 11.30
CA THR A 127 3.72 6.04 12.64
C THR A 127 5.00 6.88 12.59
N LEU A 128 5.86 6.63 11.61
CA LEU A 128 7.10 7.38 11.40
C LEU A 128 6.95 8.50 10.38
N SER A 129 5.84 9.24 10.46
CA SER A 129 5.66 10.37 9.57
C SER A 129 6.52 11.55 10.01
N SER A 130 6.96 12.35 9.04
CA SER A 130 7.74 13.55 9.32
C SER A 130 6.89 14.79 9.56
N VAL A 131 5.57 14.65 9.48
CA VAL A 131 4.60 15.65 9.92
C VAL A 131 3.63 14.92 10.84
N SER A 132 3.14 15.59 11.89
CA SER A 132 2.33 14.88 12.87
C SER A 132 1.04 14.33 12.25
N LEU A 133 0.56 13.21 12.80
CA LEU A 133 -0.63 12.59 12.27
C LEU A 133 -1.84 13.52 12.34
N GLU A 134 -1.90 14.39 13.36
CA GLU A 134 -3.04 15.30 13.47
C GLU A 134 -3.03 16.33 12.34
N GLU A 135 -1.86 16.86 12.02
CA GLU A 135 -1.74 17.77 10.88
C GLU A 135 -2.15 17.09 9.58
N ILE A 136 -1.67 15.86 9.35
CA ILE A 136 -2.02 15.19 8.11
C ILE A 136 -3.51 14.90 8.06
N ALA A 137 -4.09 14.44 9.18
CA ALA A 137 -5.52 14.17 9.20
C ALA A 137 -6.33 15.43 8.93
N ALA A 138 -5.85 16.60 9.36
CA ALA A 138 -6.57 17.85 9.15
C ALA A 138 -6.71 18.20 7.68
N VAL A 139 -5.85 17.65 6.83
CA VAL A 139 -5.99 17.83 5.39
C VAL A 139 -7.36 17.36 4.92
N GLY A 140 -7.94 16.37 5.59
CA GLY A 140 -9.22 15.83 5.18
C GLY A 140 -9.06 14.55 4.40
N GLY A 141 -10.00 14.27 3.50
CA GLY A 141 -9.93 13.04 2.72
C GLY A 141 -10.28 11.83 3.58
N ARG A 142 -9.66 10.71 3.25
CA ARG A 142 -9.89 9.45 3.96
C ARG A 142 -8.57 8.98 4.55
N PRO A 143 -8.14 9.54 5.68
CA PRO A 143 -6.86 9.12 6.26
C PRO A 143 -7.03 7.79 6.99
N TRP A 144 -6.12 6.86 6.70
CA TRP A 144 -5.89 5.68 7.54
C TRP A 144 -4.63 5.92 8.36
N PHE A 145 -4.43 5.11 9.40
CA PHE A 145 -3.24 5.24 10.24
C PHE A 145 -2.52 3.91 10.35
N GLN A 146 -1.25 3.91 9.98
CA GLN A 146 -0.40 2.73 10.09
C GLN A 146 0.29 2.72 11.44
N LEU A 147 0.21 1.60 12.14
CA LEU A 147 0.74 1.44 13.49
C LEU A 147 1.96 0.52 13.49
N PHE A 148 3.04 0.97 14.12
CA PHE A 148 4.09 0.10 14.61
C PHE A 148 3.88 -0.08 16.10
N TRP A 149 4.01 -1.31 16.57
CA TRP A 149 3.88 -1.60 17.99
C TRP A 149 5.03 -0.98 18.77
N LEU A 150 4.71 -0.29 19.86
CA LEU A 150 5.67 0.47 20.64
C LEU A 150 6.15 -0.33 21.84
N ARG A 151 7.08 0.28 22.59
CA ARG A 151 7.69 -0.34 23.76
C ARG A 151 6.69 -1.07 24.65
N ASP A 152 5.52 -0.46 24.89
CA ASP A 152 4.54 -1.04 25.79
C ASP A 152 3.14 -0.83 25.24
N GLU A 153 2.23 -1.70 25.70
CA GLU A 153 0.85 -1.65 25.23
C GLU A 153 0.23 -0.27 25.43
N LYS A 154 0.49 0.38 26.58
CA LYS A 154 -0.17 1.65 26.86
C LYS A 154 0.20 2.70 25.82
N ARG A 155 1.49 2.83 25.51
CA ARG A 155 1.92 3.79 24.51
C ARG A 155 1.33 3.46 23.14
N SER A 156 1.34 2.18 22.78
CA SER A 156 0.80 1.78 21.48
C SER A 156 -0.66 2.18 21.36
N LEU A 157 -1.44 1.93 22.42
CA LEU A 157 -2.86 2.21 22.37
C LEU A 157 -3.14 3.70 22.39
N ASP A 158 -2.27 4.50 23.02
CA ASP A 158 -2.42 5.95 22.96
C ASP A 158 -2.26 6.47 21.53
N LEU A 159 -1.34 5.88 20.77
CA LEU A 159 -1.17 6.27 19.39
C LEU A 159 -2.41 5.92 18.58
N VAL A 160 -2.97 4.73 18.83
CA VAL A 160 -4.22 4.35 18.18
C VAL A 160 -5.32 5.34 18.52
N ARG A 161 -5.40 5.74 19.79
CA ARG A 161 -6.42 6.69 20.23
C ARG A 161 -6.23 8.05 19.57
N ARG A 162 -5.00 8.54 19.49
CA ARG A 162 -4.74 9.78 18.76
C ARG A 162 -5.28 9.69 17.34
N ALA A 163 -4.95 8.59 16.64
CA ALA A 163 -5.39 8.45 15.26
C ALA A 163 -6.90 8.46 15.16
N GLU A 164 -7.58 7.73 16.05
CA GLU A 164 -9.04 7.71 16.04
C GLU A 164 -9.60 9.10 16.35
N ASP A 165 -9.06 9.76 17.36
CA ASP A 165 -9.54 11.10 17.73
C ASP A 165 -9.39 12.08 16.58
N ALA A 166 -8.35 11.91 15.76
CA ALA A 166 -8.09 12.80 14.63
C ALA A 166 -8.90 12.48 13.39
N GLY A 167 -9.72 11.43 13.42
CA GLY A 167 -10.56 11.10 12.29
C GLY A 167 -10.02 10.06 11.34
N CYS A 168 -8.96 9.36 11.70
CA CYS A 168 -8.52 8.26 10.85
C CYS A 168 -9.58 7.17 10.83
N GLU A 169 -9.69 6.49 9.69
CA GLU A 169 -10.81 5.59 9.45
C GLU A 169 -10.45 4.12 9.53
N ALA A 170 -9.17 3.78 9.66
CA ALA A 170 -8.75 2.39 9.80
C ALA A 170 -7.37 2.41 10.45
N ILE A 171 -7.06 1.33 11.17
CA ILE A 171 -5.75 1.12 11.76
C ILE A 171 -5.06 0.05 10.94
N VAL A 172 -4.00 0.42 10.23
CA VAL A 172 -3.22 -0.49 9.41
C VAL A 172 -2.05 -0.93 10.29
N PHE A 173 -2.21 -2.09 10.95
CA PHE A 173 -1.22 -2.58 11.91
C PHE A 173 -0.17 -3.36 11.11
N THR A 174 1.06 -2.84 11.07
CA THR A 174 2.12 -3.52 10.35
C THR A 174 2.59 -4.71 11.17
N VAL A 175 2.51 -5.91 10.58
CA VAL A 175 2.76 -7.14 11.32
C VAL A 175 4.01 -7.86 10.84
N ASP A 176 4.77 -7.29 9.91
CA ASP A 176 5.95 -7.95 9.34
C ASP A 176 7.25 -7.28 9.75
N VAL A 177 7.22 -6.45 10.79
CA VAL A 177 8.41 -5.73 11.25
C VAL A 177 8.62 -6.01 12.73
N PRO A 178 8.98 -7.24 13.12
CA PRO A 178 9.48 -7.39 14.50
C PRO A 178 10.68 -6.51 14.73
N TRP A 179 11.48 -6.31 13.69
CA TRP A 179 12.52 -5.30 13.59
C TRP A 179 12.68 -5.00 12.10
N MET A 180 13.37 -3.91 11.78
CA MET A 180 13.59 -3.57 10.38
C MET A 180 14.62 -4.50 9.75
N GLY A 181 14.40 -4.81 8.47
CA GLY A 181 15.31 -5.65 7.71
C GLY A 181 16.65 -4.99 7.43
N ARG A 182 17.53 -5.77 6.81
N ARG A 182 17.54 -5.76 6.81
CA ARG A 182 18.91 -5.39 6.51
CA ARG A 182 18.92 -5.33 6.58
C ARG A 182 18.94 -4.74 5.13
C ARG A 182 19.02 -4.74 5.18
N ARG A 183 19.00 -3.41 5.10
CA ARG A 183 19.00 -2.65 3.84
CA ARG A 183 19.00 -2.71 3.82
C ARG A 183 20.44 -2.36 3.47
N LEU A 184 21.03 -3.18 2.59
CA LEU A 184 22.45 -3.06 2.29
C LEU A 184 22.79 -1.75 1.60
N ARG A 185 21.89 -1.18 0.79
CA ARG A 185 22.17 0.12 0.20
C ARG A 185 22.38 1.16 1.29
N ASP A 186 21.51 1.16 2.30
CA ASP A 186 21.62 2.13 3.38
C ASP A 186 22.90 1.93 4.16
N MET A 187 23.28 0.68 4.42
CA MET A 187 24.52 0.40 5.14
C MET A 187 25.72 0.91 4.34
N ARG A 188 25.77 0.57 3.05
CA ARG A 188 26.88 1.00 2.22
C ARG A 188 26.93 2.51 2.06
N ASN A 189 25.77 3.18 2.04
CA ASN A 189 25.74 4.63 1.96
C ASN A 189 25.95 5.31 3.30
N GLY A 190 25.97 4.55 4.40
CA GLY A 190 25.94 5.17 5.71
C GLY A 190 24.77 6.13 5.86
N PHE A 191 23.60 5.74 5.38
CA PHE A 191 22.49 6.66 5.30
C PHE A 191 21.93 6.97 6.69
N ALA A 192 21.70 8.24 6.96
CA ALA A 192 21.07 8.69 8.19
C ALA A 192 20.07 9.79 7.86
N LEU A 193 19.07 9.93 8.71
CA LEU A 193 18.09 11.00 8.53
C LEU A 193 18.79 12.35 8.65
N PRO A 194 18.53 13.29 7.74
CA PRO A 194 19.00 14.65 7.96
C PRO A 194 18.40 15.22 9.24
N GLU A 195 19.08 16.21 9.81
CA GLU A 195 18.57 16.80 11.04
C GLU A 195 17.23 17.48 10.84
N TRP A 196 16.89 17.84 9.61
CA TRP A 196 15.62 18.50 9.29
C TRP A 196 14.47 17.53 9.07
N VAL A 197 14.67 16.24 9.30
CA VAL A 197 13.62 15.23 9.20
C VAL A 197 13.56 14.49 10.53
N THR A 198 12.37 14.47 11.14
CA THR A 198 12.18 13.77 12.41
C THR A 198 10.90 12.95 12.37
N ALA A 199 10.77 12.06 13.36
CA ALA A 199 9.54 11.30 13.60
C ALA A 199 8.61 12.21 14.38
N ALA A 200 7.76 12.93 13.64
CA ALA A 200 6.98 14.03 14.21
C ALA A 200 5.88 13.58 15.18
N ASN A 201 5.53 12.30 15.20
CA ASN A 201 4.55 11.81 16.16
C ASN A 201 5.12 11.60 17.54
N PHE A 202 6.42 11.76 17.72
CA PHE A 202 7.09 11.49 19.00
C PHE A 202 7.79 12.72 19.56
N PHE A 226 10.34 0.59 20.05
CA PHE A 226 9.50 -0.37 19.35
C PHE A 226 9.80 -1.79 19.80
N ALA A 227 8.75 -2.61 19.90
CA ALA A 227 8.87 -4.00 20.28
C ALA A 227 8.06 -4.86 19.31
N PRO A 228 8.44 -6.12 19.14
CA PRO A 228 7.73 -6.97 18.17
C PRO A 228 6.27 -7.22 18.54
N ALA A 229 5.39 -7.07 17.56
CA ALA A 229 3.98 -7.32 17.77
C ALA A 229 3.69 -8.82 17.73
N THR A 230 2.67 -9.23 18.49
CA THR A 230 2.16 -10.60 18.51
C THR A 230 0.64 -10.58 18.33
N TRP A 231 0.05 -11.78 18.24
CA TRP A 231 -1.40 -11.87 18.19
C TRP A 231 -2.05 -11.22 19.41
N GLU A 232 -1.38 -11.26 20.56
CA GLU A 232 -1.91 -10.56 21.72
CA GLU A 232 -1.88 -10.56 21.73
C GLU A 232 -1.98 -9.06 21.48
N SER A 233 -0.99 -8.51 20.77
CA SER A 233 -1.01 -7.08 20.46
C SER A 233 -2.20 -6.74 19.55
N VAL A 234 -2.45 -7.59 18.55
CA VAL A 234 -3.61 -7.40 17.69
C VAL A 234 -4.89 -7.36 18.50
N GLU A 235 -5.03 -8.27 19.47
CA GLU A 235 -6.23 -8.28 20.28
C GLU A 235 -6.35 -7.02 21.12
N ALA A 236 -5.24 -6.53 21.67
CA ALA A 236 -5.27 -5.29 22.44
C ALA A 236 -5.76 -4.12 21.58
N VAL A 237 -5.30 -4.04 20.34
CA VAL A 237 -5.76 -2.98 19.46
C VAL A 237 -7.23 -3.15 19.14
N ARG A 238 -7.64 -4.37 18.77
CA ARG A 238 -9.03 -4.61 18.40
C ARG A 238 -9.98 -4.24 19.54
N ALA A 239 -9.60 -4.53 20.77
CA ALA A 239 -10.44 -4.23 21.93
C ALA A 239 -10.45 -2.75 22.29
N HIS A 240 -9.53 -1.96 21.74
CA HIS A 240 -9.33 -0.57 22.11
C HIS A 240 -9.87 0.41 21.08
N THR A 241 -10.40 -0.08 19.96
CA THR A 241 -10.89 0.79 18.90
C THR A 241 -12.10 0.16 18.23
N ASP A 242 -13.00 1.01 17.77
CA ASP A 242 -14.09 0.59 16.90
C ASP A 242 -13.71 0.66 15.41
N LEU A 243 -12.53 1.18 15.10
CA LEU A 243 -12.11 1.25 13.70
C LEU A 243 -11.73 -0.13 13.19
N PRO A 244 -11.88 -0.38 11.89
CA PRO A 244 -11.38 -1.64 11.34
C PRO A 244 -9.87 -1.74 11.51
N VAL A 245 -9.41 -2.91 11.94
CA VAL A 245 -8.00 -3.20 12.08
C VAL A 245 -7.58 -4.03 10.87
N VAL A 246 -6.54 -3.57 10.19
CA VAL A 246 -6.07 -4.17 8.94
C VAL A 246 -4.64 -4.62 9.17
N LEU A 247 -4.37 -5.92 9.01
CA LEU A 247 -3.04 -6.45 9.30
C LEU A 247 -2.21 -6.44 8.01
N LYS A 248 -1.16 -5.64 7.99
CA LYS A 248 -0.34 -5.43 6.80
C LYS A 248 0.93 -6.26 6.89
N GLY A 249 1.18 -7.10 5.90
CA GLY A 249 2.33 -7.98 5.88
C GLY A 249 2.03 -9.45 6.05
N ILE A 250 0.81 -9.88 5.74
CA ILE A 250 0.42 -11.29 5.82
C ILE A 250 0.82 -11.97 4.53
N LEU A 251 1.47 -13.14 4.64
CA LEU A 251 1.80 -13.96 3.46
C LEU A 251 1.35 -15.41 3.58
N ALA A 252 1.30 -15.97 4.79
CA ALA A 252 0.91 -17.36 4.97
C ALA A 252 -0.62 -17.48 5.02
N VAL A 253 -1.13 -18.52 4.35
CA VAL A 253 -2.57 -18.74 4.30
C VAL A 253 -3.15 -18.85 5.70
N GLU A 254 -2.47 -19.58 6.60
CA GLU A 254 -3.07 -19.72 7.92
C GLU A 254 -3.01 -18.43 8.73
N ASP A 255 -2.04 -17.55 8.44
CA ASP A 255 -2.06 -16.23 9.07
C ASP A 255 -3.23 -15.40 8.57
N ALA A 256 -3.59 -15.51 7.29
CA ALA A 256 -4.78 -14.82 6.79
C ALA A 256 -6.04 -15.34 7.47
N ARG A 257 -6.17 -16.67 7.59
CA ARG A 257 -7.31 -17.23 8.30
C ARG A 257 -7.35 -16.75 9.74
N ARG A 258 -6.20 -16.80 10.42
CA ARG A 258 -6.15 -16.36 11.82
C ARG A 258 -6.48 -14.88 11.94
N ALA A 259 -6.09 -14.07 10.95
CA ALA A 259 -6.46 -12.66 10.96
C ALA A 259 -7.97 -12.49 11.00
N VAL A 260 -8.71 -13.24 10.18
CA VAL A 260 -10.17 -13.18 10.20
C VAL A 260 -10.68 -13.59 11.58
N ASP A 261 -10.17 -14.72 12.10
CA ASP A 261 -10.60 -15.20 13.41
C ASP A 261 -10.31 -14.20 14.50
N ALA A 262 -9.23 -13.42 14.35
CA ALA A 262 -8.83 -12.41 15.32
C ALA A 262 -9.66 -11.14 15.22
N GLY A 263 -10.58 -11.03 14.27
CA GLY A 263 -11.42 -9.86 14.17
C GLY A 263 -10.89 -8.77 13.26
N ALA A 264 -9.85 -9.04 12.48
CA ALA A 264 -9.39 -8.05 11.51
C ALA A 264 -10.47 -7.75 10.49
N GLY A 265 -10.58 -6.46 10.15
CA GLY A 265 -11.43 -6.05 9.05
C GLY A 265 -10.79 -6.19 7.69
N GLY A 266 -9.48 -6.36 7.65
CA GLY A 266 -8.79 -6.55 6.39
C GLY A 266 -7.37 -7.00 6.65
N ILE A 267 -6.71 -7.42 5.57
CA ILE A 267 -5.29 -7.74 5.57
C ILE A 267 -4.69 -7.13 4.32
N VAL A 268 -3.38 -6.85 4.37
CA VAL A 268 -2.61 -6.50 3.19
C VAL A 268 -1.61 -7.63 2.97
N VAL A 269 -1.80 -8.36 1.88
CA VAL A 269 -0.90 -9.44 1.48
C VAL A 269 0.32 -8.78 0.85
N SER A 270 1.49 -8.94 1.49
CA SER A 270 2.60 -8.04 1.25
C SER A 270 3.89 -8.63 1.80
N ASN A 271 4.99 -8.44 1.07
CA ASN A 271 6.32 -8.68 1.60
C ASN A 271 7.05 -7.38 1.93
N HIS A 272 6.29 -6.30 2.15
CA HIS A 272 6.86 -5.02 2.58
C HIS A 272 7.77 -4.46 1.49
N GLY A 273 7.36 -4.60 0.23
CA GLY A 273 8.15 -4.06 -0.86
C GLY A 273 9.53 -4.67 -0.96
N GLY A 274 9.70 -5.89 -0.48
CA GLY A 274 11.00 -6.54 -0.50
C GLY A 274 12.01 -5.96 0.46
N ARG A 275 11.54 -5.25 1.49
CA ARG A 275 12.41 -4.57 2.46
C ARG A 275 12.60 -5.34 3.76
N GLN A 276 11.86 -6.44 3.97
CA GLN A 276 11.88 -7.16 5.22
C GLN A 276 12.64 -8.46 5.02
N LEU A 277 11.98 -9.61 4.95
CA LEU A 277 12.71 -10.86 4.71
C LEU A 277 13.11 -10.94 3.24
N ASP A 278 14.41 -11.00 2.97
CA ASP A 278 14.91 -11.21 1.62
C ASP A 278 14.72 -12.69 1.27
N GLY A 279 13.90 -12.97 0.25
CA GLY A 279 13.46 -14.31 -0.04
C GLY A 279 12.01 -14.57 0.32
N ALA A 280 11.33 -13.62 0.96
CA ALA A 280 9.89 -13.75 1.16
C ALA A 280 9.16 -13.73 -0.18
N VAL A 281 8.22 -14.65 -0.30
CA VAL A 281 7.37 -14.76 -1.50
C VAL A 281 6.67 -13.44 -1.78
N PRO A 282 6.49 -13.04 -3.04
CA PRO A 282 5.64 -11.87 -3.33
C PRO A 282 4.20 -12.08 -2.89
N GLY A 283 3.59 -11.02 -2.35
CA GLY A 283 2.19 -11.09 -2.00
C GLY A 283 1.30 -11.51 -3.15
N ILE A 284 1.58 -11.00 -4.35
CA ILE A 284 0.75 -11.35 -5.52
CA ILE A 284 0.77 -11.34 -5.53
C ILE A 284 0.71 -12.85 -5.75
N GLU A 285 1.76 -13.59 -5.36
CA GLU A 285 1.79 -15.03 -5.56
C GLU A 285 0.99 -15.81 -4.50
N MET A 286 0.73 -15.20 -3.35
CA MET A 286 -0.10 -15.83 -2.33
C MET A 286 -1.54 -15.38 -2.39
N LEU A 287 -1.84 -14.34 -3.18
CA LEU A 287 -3.12 -13.66 -3.11
C LEU A 287 -4.27 -14.60 -3.42
N GLY A 288 -4.17 -15.37 -4.51
CA GLY A 288 -5.29 -16.23 -4.89
C GLY A 288 -5.61 -17.25 -3.81
N GLU A 289 -4.58 -17.90 -3.26
CA GLU A 289 -4.80 -18.88 -2.21
CA GLU A 289 -4.79 -18.88 -2.20
C GLU A 289 -5.40 -18.23 -0.97
N ILE A 290 -4.94 -17.03 -0.63
CA ILE A 290 -5.44 -16.33 0.55
C ILE A 290 -6.90 -15.91 0.36
N VAL A 291 -7.24 -15.39 -0.83
CA VAL A 291 -8.62 -14.99 -1.10
C VAL A 291 -9.57 -16.17 -0.94
N ALA A 292 -9.17 -17.33 -1.46
CA ALA A 292 -10.00 -18.53 -1.32
C ALA A 292 -10.16 -18.93 0.15
N ALA A 293 -9.07 -18.87 0.93
CA ALA A 293 -9.13 -19.29 2.33
C ALA A 293 -9.95 -18.34 3.19
N VAL A 294 -9.91 -17.04 2.93
N VAL A 294 -9.93 -17.05 2.86
CA VAL A 294 -10.69 -16.15 3.79
CA VAL A 294 -10.60 -16.03 3.65
C VAL A 294 -12.16 -16.13 3.39
C VAL A 294 -12.12 -16.05 3.42
N SER A 295 -12.46 -16.46 2.14
N SER A 295 -12.57 -16.47 2.24
CA SER A 295 -13.84 -16.61 1.68
CA SER A 295 -13.99 -16.67 1.95
C SER A 295 -14.73 -15.45 2.16
C SER A 295 -14.82 -15.41 2.21
N GLY A 296 -14.27 -14.24 1.88
CA GLY A 296 -15.02 -13.02 2.14
C GLY A 296 -15.06 -12.56 3.59
N GLY A 297 -14.30 -13.21 4.49
CA GLY A 297 -14.37 -12.85 5.90
C GLY A 297 -13.71 -11.53 6.25
N CYS A 298 -12.86 -10.99 5.37
CA CYS A 298 -12.29 -9.66 5.54
C CYS A 298 -11.88 -9.15 4.15
N GLU A 299 -11.58 -7.86 4.08
CA GLU A 299 -11.04 -7.30 2.85
C GLU A 299 -9.63 -7.81 2.67
N VAL A 300 -9.26 -8.15 1.43
CA VAL A 300 -7.93 -8.67 1.13
C VAL A 300 -7.27 -7.70 0.14
N LEU A 301 -6.35 -6.89 0.64
CA LEU A 301 -5.57 -6.00 -0.21
C LEU A 301 -4.22 -6.64 -0.51
N VAL A 302 -3.53 -6.09 -1.50
CA VAL A 302 -2.19 -6.57 -1.87
C VAL A 302 -1.34 -5.35 -2.22
N ASP A 303 -0.04 -5.48 -2.03
CA ASP A 303 0.88 -4.46 -2.51
C ASP A 303 2.17 -5.10 -2.99
N GLY A 304 3.07 -4.27 -3.49
CA GLY A 304 4.36 -4.71 -3.98
C GLY A 304 4.43 -4.65 -5.48
N GLY A 305 5.09 -3.63 -6.01
CA GLY A 305 5.34 -3.56 -7.44
C GLY A 305 4.18 -3.13 -8.32
N ILE A 306 3.09 -2.60 -7.76
CA ILE A 306 2.03 -2.09 -8.62
C ILE A 306 2.55 -0.84 -9.34
N ARG A 307 2.59 -0.90 -10.68
CA ARG A 307 3.21 0.18 -11.46
C ARG A 307 2.35 0.65 -12.61
N SER A 308 1.08 0.26 -12.67
CA SER A 308 0.20 0.67 -13.75
C SER A 308 -1.23 0.27 -13.41
N GLY A 309 -2.18 0.85 -14.15
CA GLY A 309 -3.55 0.39 -14.02
C GLY A 309 -3.73 -1.06 -14.44
N GLY A 310 -2.94 -1.51 -15.42
CA GLY A 310 -2.96 -2.92 -15.78
C GLY A 310 -2.55 -3.80 -14.62
N ASP A 311 -1.58 -3.36 -13.82
CA ASP A 311 -1.20 -4.12 -12.63
C ASP A 311 -2.32 -4.14 -11.60
N VAL A 312 -3.03 -3.02 -11.45
CA VAL A 312 -4.21 -3.00 -10.59
C VAL A 312 -5.23 -4.02 -11.06
N LEU A 313 -5.45 -4.08 -12.38
CA LEU A 313 -6.39 -5.05 -12.91
C LEU A 313 -5.94 -6.47 -12.60
N LYS A 314 -4.65 -6.77 -12.76
CA LYS A 314 -4.14 -8.10 -12.43
C LYS A 314 -4.42 -8.44 -10.98
N ALA A 315 -4.14 -7.49 -10.07
CA ALA A 315 -4.37 -7.73 -8.65
C ALA A 315 -5.83 -8.01 -8.38
N THR A 316 -6.73 -7.23 -8.98
CA THR A 316 -8.16 -7.44 -8.80
CA THR A 316 -8.15 -7.48 -8.74
C THR A 316 -8.59 -8.80 -9.35
N ALA A 317 -8.09 -9.16 -10.55
CA ALA A 317 -8.44 -10.43 -11.16
C ALA A 317 -7.98 -11.61 -10.32
N LEU A 318 -6.89 -11.44 -9.57
CA LEU A 318 -6.42 -12.46 -8.63
C LEU A 318 -7.21 -12.45 -7.32
N GLY A 319 -8.10 -11.49 -7.13
CA GLY A 319 -9.01 -11.50 -6.00
C GLY A 319 -8.87 -10.34 -5.04
N ALA A 320 -7.93 -9.42 -5.22
CA ALA A 320 -7.76 -8.33 -4.27
C ALA A 320 -8.95 -7.39 -4.28
N SER A 321 -9.30 -6.90 -3.09
CA SER A 321 -10.28 -5.83 -2.93
C SER A 321 -9.73 -4.50 -3.42
N ALA A 322 -8.44 -4.27 -3.23
CA ALA A 322 -7.75 -3.03 -3.53
C ALA A 322 -6.26 -3.27 -3.39
N VAL A 323 -5.47 -2.32 -3.90
CA VAL A 323 -4.02 -2.38 -3.81
C VAL A 323 -3.53 -1.20 -3.00
N LEU A 324 -2.31 -1.32 -2.49
CA LEU A 324 -1.54 -0.16 -2.04
C LEU A 324 -0.43 0.13 -3.03
N VAL A 325 -0.09 1.41 -3.17
CA VAL A 325 1.00 1.86 -4.03
C VAL A 325 1.96 2.70 -3.18
N GLY A 326 3.24 2.32 -3.17
CA GLY A 326 4.23 2.99 -2.35
C GLY A 326 5.21 3.83 -3.13
N ARG A 327 6.27 3.20 -3.63
CA ARG A 327 7.34 3.97 -4.27
C ARG A 327 6.87 4.94 -5.36
N PRO A 328 5.97 4.57 -6.27
CA PRO A 328 5.59 5.54 -7.32
C PRO A 328 5.02 6.82 -6.77
N VAL A 329 4.29 6.77 -5.65
CA VAL A 329 3.76 8.00 -5.06
C VAL A 329 4.90 8.90 -4.61
N MET A 330 5.95 8.31 -4.04
CA MET A 330 7.13 9.09 -3.64
C MET A 330 7.90 9.62 -4.84
N TRP A 331 7.95 8.87 -5.95
CA TRP A 331 8.57 9.41 -7.16
C TRP A 331 7.86 10.69 -7.59
N ALA A 332 6.53 10.66 -7.59
CA ALA A 332 5.75 11.81 -8.02
C ALA A 332 5.97 12.99 -7.06
N LEU A 333 5.98 12.70 -5.75
CA LEU A 333 6.26 13.73 -4.75
C LEU A 333 7.62 14.37 -4.98
N ALA A 334 8.65 13.55 -5.17
CA ALA A 334 9.99 14.08 -5.41
C ALA A 334 10.04 14.91 -6.69
N ALA A 335 9.36 14.45 -7.75
CA ALA A 335 9.48 15.11 -9.05
C ALA A 335 8.77 16.45 -9.07
N ALA A 336 7.62 16.56 -8.40
CA ALA A 336 6.81 17.78 -8.58
C ALA A 336 5.87 18.05 -7.42
N GLY A 337 6.14 17.56 -6.21
CA GLY A 337 5.33 17.88 -5.05
C GLY A 337 3.89 17.45 -5.19
N GLN A 338 2.98 18.26 -4.63
CA GLN A 338 1.57 17.93 -4.65
C GLN A 338 1.06 17.75 -6.08
N ASP A 339 1.44 18.65 -6.98
CA ASP A 339 0.98 18.54 -8.36
CA ASP A 339 0.99 18.55 -8.37
C ASP A 339 1.49 17.25 -9.01
N GLY A 340 2.70 16.84 -8.66
CA GLY A 340 3.22 15.57 -9.16
C GLY A 340 2.37 14.39 -8.71
N VAL A 341 2.03 14.35 -7.42
CA VAL A 341 1.17 13.27 -6.93
C VAL A 341 -0.20 13.32 -7.61
N ARG A 342 -0.77 14.52 -7.77
CA ARG A 342 -2.04 14.64 -8.50
C ARG A 342 -1.93 14.03 -9.88
N GLN A 343 -0.85 14.35 -10.60
CA GLN A 343 -0.70 13.83 -11.96
C GLN A 343 -0.55 12.32 -11.96
N LEU A 344 0.20 11.78 -11.01
CA LEU A 344 0.32 10.33 -10.89
C LEU A 344 -1.03 9.69 -10.69
N LEU A 345 -1.83 10.22 -9.75
CA LEU A 345 -3.12 9.61 -9.44
C LEU A 345 -4.09 9.75 -10.61
N GLU A 346 -4.03 10.85 -11.35
CA GLU A 346 -4.90 10.94 -12.52
CA GLU A 346 -4.87 10.99 -12.54
C GLU A 346 -4.46 9.99 -13.62
N LEU A 347 -3.16 9.78 -13.77
CA LEU A 347 -2.66 8.80 -14.73
C LEU A 347 -3.11 7.39 -14.35
N LEU A 348 -2.95 7.05 -13.06
CA LEU A 348 -3.40 5.73 -12.61
CA LEU A 348 -3.40 5.74 -12.59
C LEU A 348 -4.90 5.58 -12.79
N ALA A 349 -5.67 6.62 -12.49
CA ALA A 349 -7.11 6.52 -12.70
C ALA A 349 -7.43 6.25 -14.16
N GLU A 350 -6.77 6.95 -15.08
CA GLU A 350 -7.00 6.71 -16.50
C GLU A 350 -6.61 5.29 -16.88
N GLU A 351 -5.46 4.81 -16.39
CA GLU A 351 -5.02 3.46 -16.74
C GLU A 351 -5.96 2.41 -16.17
N VAL A 352 -6.46 2.61 -14.95
CA VAL A 352 -7.38 1.64 -14.36
C VAL A 352 -8.69 1.58 -15.17
N ARG A 353 -9.25 2.76 -15.49
CA ARG A 353 -10.46 2.78 -16.30
C ARG A 353 -10.23 2.13 -17.65
N ASP A 354 -9.10 2.45 -18.29
CA ASP A 354 -8.77 1.87 -19.59
C ASP A 354 -8.69 0.34 -19.49
N ALA A 355 -7.93 -0.16 -18.53
CA ALA A 355 -7.75 -1.61 -18.41
C ALA A 355 -9.07 -2.31 -18.11
N MET A 356 -9.87 -1.76 -17.19
CA MET A 356 -11.15 -2.36 -16.86
C MET A 356 -12.05 -2.45 -18.07
N GLY A 357 -12.18 -1.36 -18.82
CA GLY A 357 -13.08 -1.36 -19.96
C GLY A 357 -12.60 -2.30 -21.06
N LEU A 358 -11.30 -2.26 -21.36
CA LEU A 358 -10.76 -3.17 -22.36
C LEU A 358 -10.98 -4.63 -21.96
N ALA A 359 -11.03 -4.92 -20.65
CA ALA A 359 -11.29 -6.25 -20.15
C ALA A 359 -12.77 -6.56 -19.94
N GLY A 360 -13.66 -5.64 -20.33
CA GLY A 360 -15.09 -5.90 -20.25
C GLY A 360 -15.69 -5.75 -18.86
N CYS A 361 -15.08 -4.93 -18.02
CA CYS A 361 -15.51 -4.82 -16.61
C CYS A 361 -16.07 -3.42 -16.36
N GLU A 362 -17.36 -3.36 -16.08
CA GLU A 362 -18.01 -2.10 -15.75
C GLU A 362 -17.82 -1.72 -14.29
N SER A 363 -17.32 -2.65 -13.47
CA SER A 363 -17.11 -2.41 -12.05
C SER A 363 -15.92 -3.24 -11.58
N VAL A 364 -15.39 -2.86 -10.42
CA VAL A 364 -14.29 -3.60 -9.82
C VAL A 364 -14.72 -5.02 -9.46
N GLY A 365 -15.97 -5.18 -9.02
CA GLY A 365 -16.47 -6.53 -8.75
C GLY A 365 -16.37 -7.43 -9.98
N ALA A 366 -16.71 -6.90 -11.15
CA ALA A 366 -16.57 -7.67 -12.38
C ALA A 366 -15.10 -8.02 -12.65
N ALA A 367 -14.19 -7.08 -12.36
CA ALA A 367 -12.78 -7.38 -12.56
C ALA A 367 -12.30 -8.52 -11.67
N ARG A 368 -12.82 -8.60 -10.45
CA ARG A 368 -12.45 -9.70 -9.56
C ARG A 368 -12.88 -11.05 -10.11
N ARG A 369 -13.89 -11.09 -10.99
CA ARG A 369 -14.33 -12.33 -11.61
C ARG A 369 -13.57 -12.68 -12.89
N LEU A 370 -12.65 -11.84 -13.34
CA LEU A 370 -11.80 -12.19 -14.48
C LEU A 370 -10.89 -13.36 -14.13
N ASN A 371 -10.61 -14.18 -15.14
CA ASN A 371 -9.61 -15.22 -15.02
C ASN A 371 -8.25 -14.75 -15.53
N THR A 372 -7.21 -15.46 -15.11
CA THR A 372 -5.84 -15.15 -15.45
C THR A 372 -5.14 -16.41 -15.93
N LYS A 373 -4.00 -16.21 -16.58
CA LYS A 373 -3.16 -17.31 -17.03
CA LYS A 373 -3.16 -17.32 -17.04
C LYS A 373 -1.70 -16.90 -16.85
N LEU A 374 -0.92 -17.77 -16.24
CA LEU A 374 0.50 -17.48 -16.04
C LEU A 374 1.28 -17.72 -17.32
N GLY A 375 2.20 -16.81 -17.63
CA GLY A 375 3.03 -16.93 -18.81
C GLY A 375 4.51 -16.90 -18.46
N VAL A 376 5.36 -16.66 -19.46
CA VAL A 376 6.80 -16.55 -19.26
C VAL A 376 7.27 -15.21 -19.79
N VAL A 377 8.26 -14.65 -19.12
CA VAL A 377 8.79 -13.33 -19.47
C VAL A 377 10.32 -13.34 -19.46
#